data_6W78
#
_entry.id   6W78
#
_cell.length_a   38.895
_cell.length_b   57.453
_cell.length_c   135.538
_cell.angle_alpha   90.000
_cell.angle_beta   90.000
_cell.angle_gamma   90.000
#
_symmetry.space_group_name_H-M   'P 21 21 21'
#
loop_
_entity.id
_entity.type
_entity.pdbx_description
1 polymer 'Antifreeze polypeptide'
2 non-polymer 2-acetamido-2-deoxy-beta-D-glucopyranose
3 water water
#
_entity_poly.entity_id   1
_entity_poly.type   'polypeptide(L)'
_entity_poly.pdbx_seq_one_letter_code
;MNIESSFCPILCICMIFLCLPNLSASQRCNNNDKQALLQIKTALKNPTITDSWVSDDDCCGWDLVECDETSNRIISLIIQ
DDEALTGQIPPQVGDLPYLQALWFRKLPNLFGKIPEEISALKDLKSLRLSSTSLSGPVPLFFPQLTKLTCLDLSFNKLLG
VIPPQLSTLPNLKALHLERNELTGEIPDIFGNFAGSPDIYLSHNQLTGFVPKTFARADPIRLDFSGNRLEGDISFLFGPK
KRLEMLDFSGNVLSFNFSRVQEFPPSLTYLDLNHNQISGSLSSELAKLDLQTFNVSDNNLCGKIPTGGNLQRFDRTAYLH
NSCLCGAPLPECAAAA
;
_entity_poly.pdbx_strand_id   A
#
loop_
_chem_comp.id
_chem_comp.type
_chem_comp.name
_chem_comp.formula
NAG D-saccharide, beta linking 2-acetamido-2-deoxy-beta-D-glucopyranose 'C8 H15 N O6'
#
# COMPACT_ATOMS: atom_id res chain seq x y z
N GLN A 27 27.49 30.92 -3.11
CA GLN A 27 27.54 29.47 -3.48
C GLN A 27 26.21 29.06 -4.14
N ARG A 28 25.36 28.38 -3.39
CA ARG A 28 24.22 27.62 -3.93
C ARG A 28 23.44 27.06 -2.74
N CYS A 29 24.11 26.34 -1.85
CA CYS A 29 23.56 25.74 -0.61
C CYS A 29 23.09 26.89 0.28
N ASN A 30 21.81 26.85 0.68
CA ASN A 30 21.15 27.82 1.60
C ASN A 30 21.55 27.44 3.04
N ASN A 31 22.00 28.43 3.84
CA ASN A 31 22.65 28.24 5.17
C ASN A 31 21.65 27.59 6.15
N ASN A 32 20.37 27.88 6.02
CA ASN A 32 19.31 27.38 6.92
C ASN A 32 19.10 25.91 6.60
N ASP A 33 19.06 25.51 5.31
CA ASP A 33 18.97 24.09 4.91
C ASP A 33 20.22 23.39 5.45
N LYS A 34 21.39 24.00 5.28
CA LYS A 34 22.67 23.45 5.78
C LYS A 34 22.59 23.13 7.29
N GLN A 35 22.20 24.08 8.12
CA GLN A 35 22.23 23.89 9.59
CA GLN A 35 22.13 23.96 9.60
C GLN A 35 21.17 22.84 9.98
N ALA A 36 20.06 22.74 9.27
CA ALA A 36 19.06 21.72 9.61
C ALA A 36 19.67 20.33 9.38
N LEU A 37 20.34 20.15 8.25
CA LEU A 37 20.95 18.85 7.90
C LEU A 37 22.03 18.52 8.96
N LEU A 38 22.84 19.50 9.35
CA LEU A 38 23.86 19.25 10.40
C LEU A 38 23.18 18.92 11.73
N GLN A 39 22.01 19.48 12.02
CA GLN A 39 21.22 19.10 13.24
C GLN A 39 20.78 17.64 13.17
N ILE A 40 20.26 17.23 12.01
CA ILE A 40 19.71 15.87 11.79
C ILE A 40 20.86 14.85 11.93
N LYS A 41 22.01 15.14 11.33
CA LYS A 41 23.24 14.31 11.43
C LYS A 41 23.57 14.11 12.91
N THR A 42 23.77 15.21 13.65
CA THR A 42 24.02 15.16 15.12
C THR A 42 22.95 14.31 15.80
N ALA A 43 21.67 14.61 15.59
CA ALA A 43 20.60 13.90 16.31
C ALA A 43 20.72 12.39 16.05
N LEU A 44 21.05 11.94 14.83
CA LEU A 44 21.19 10.49 14.52
C LEU A 44 22.55 9.92 14.93
N LYS A 45 23.41 10.70 15.62
CA LYS A 45 24.71 10.25 16.22
C LYS A 45 25.76 9.98 15.13
N ASN A 46 25.93 10.93 14.22
CA ASN A 46 26.78 10.86 12.99
C ASN A 46 26.82 9.43 12.46
N PRO A 47 25.75 8.94 11.83
CA PRO A 47 25.80 7.60 11.22
C PRO A 47 26.76 7.67 10.04
N THR A 48 27.11 6.51 9.48
CA THR A 48 28.16 6.44 8.43
C THR A 48 27.56 7.05 7.16
N ILE A 49 26.32 6.71 6.83
CA ILE A 49 25.60 7.18 5.61
C ILE A 49 25.61 8.72 5.49
N THR A 50 25.90 9.48 6.55
CA THR A 50 26.01 10.96 6.48
C THR A 50 27.48 11.38 6.46
N ASP A 51 28.38 10.49 6.08
CA ASP A 51 29.83 10.81 6.09
C ASP A 51 30.06 11.91 5.05
N SER A 52 29.27 11.93 3.97
CA SER A 52 29.43 12.96 2.91
C SER A 52 29.08 14.33 3.48
N TRP A 53 28.38 14.42 4.62
CA TRP A 53 27.82 15.72 5.12
C TRP A 53 28.92 16.54 5.78
N VAL A 54 29.88 17.04 5.02
CA VAL A 54 31.06 17.77 5.60
C VAL A 54 30.83 19.26 5.36
N SER A 55 31.06 20.09 6.36
CA SER A 55 31.00 21.57 6.25
C SER A 55 32.08 22.10 5.27
N ASP A 56 32.96 21.26 4.72
CA ASP A 56 33.85 21.65 3.59
C ASP A 56 33.00 21.98 2.35
N ASP A 57 32.20 21.02 1.88
CA ASP A 57 31.59 21.00 0.53
C ASP A 57 30.13 21.48 0.61
N ASP A 58 29.68 22.30 -0.36
CA ASP A 58 28.27 22.68 -0.66
C ASP A 58 27.35 21.46 -0.50
N CYS A 59 26.27 21.67 0.25
CA CYS A 59 25.37 20.60 0.75
C CYS A 59 24.58 20.10 -0.46
N CYS A 60 24.48 20.90 -1.52
CA CYS A 60 23.87 20.43 -2.79
C CYS A 60 24.69 19.25 -3.33
N GLY A 61 26.01 19.25 -3.07
CA GLY A 61 26.92 18.16 -3.48
C GLY A 61 26.70 16.90 -2.65
N TRP A 62 26.16 17.01 -1.44
CA TRP A 62 26.20 15.88 -0.47
C TRP A 62 25.40 14.70 -1.04
N ASP A 63 25.69 13.49 -0.56
CA ASP A 63 24.80 12.34 -0.85
C ASP A 63 23.49 12.50 -0.06
N LEU A 64 22.48 11.76 -0.49
CA LEU A 64 21.14 11.57 0.14
C LEU A 64 20.23 12.79 -0.10
N VAL A 65 20.69 13.88 -0.69
CA VAL A 65 19.88 15.13 -0.78
C VAL A 65 19.88 15.66 -2.21
N GLU A 66 18.94 16.50 -2.57
CA GLU A 66 18.82 17.13 -3.92
C GLU A 66 18.43 18.59 -3.68
N CYS A 67 19.02 19.54 -4.39
CA CYS A 67 18.56 20.95 -4.42
C CYS A 67 17.74 21.22 -5.69
N ASP A 68 16.75 22.14 -5.63
CA ASP A 68 15.98 22.62 -6.82
C ASP A 68 16.98 23.30 -7.75
N GLU A 69 16.74 23.28 -9.06
CA GLU A 69 17.65 23.96 -10.04
C GLU A 69 17.58 25.48 -9.88
N THR A 70 16.40 26.04 -9.67
CA THR A 70 16.21 27.52 -9.63
C THR A 70 16.33 28.03 -8.19
N SER A 71 15.55 27.50 -7.24
CA SER A 71 15.53 27.99 -5.82
C SER A 71 16.82 27.67 -5.08
N ASN A 72 17.53 26.58 -5.46
CA ASN A 72 18.74 26.04 -4.76
C ASN A 72 18.44 25.60 -3.31
N ARG A 73 17.21 25.23 -3.01
CA ARG A 73 16.80 24.75 -1.64
C ARG A 73 16.84 23.23 -1.62
N ILE A 74 17.13 22.63 -0.46
CA ILE A 74 16.98 21.15 -0.30
C ILE A 74 15.55 20.71 -0.58
N ILE A 75 15.37 19.84 -1.60
CA ILE A 75 14.01 19.35 -1.96
C ILE A 75 13.95 17.84 -1.75
N SER A 76 15.00 17.21 -1.26
CA SER A 76 15.02 15.74 -1.18
C SER A 76 15.98 15.26 -0.09
N LEU A 77 15.51 14.29 0.70
CA LEU A 77 16.26 13.65 1.80
C LEU A 77 15.81 12.19 1.89
N ILE A 78 16.70 11.27 1.55
CA ILE A 78 16.46 9.80 1.40
C ILE A 78 17.39 9.11 2.37
N ILE A 79 16.92 8.69 3.55
CA ILE A 79 17.80 8.01 4.53
C ILE A 79 17.36 6.55 4.50
N GLN A 80 18.21 5.60 4.11
CA GLN A 80 17.80 4.21 3.73
C GLN A 80 18.86 3.19 4.10
N ASP A 81 18.47 1.95 4.42
CA ASP A 81 19.29 0.70 4.34
C ASP A 81 20.48 0.73 5.28
N ASP A 82 20.23 0.93 6.58
CA ASP A 82 21.27 1.19 7.61
C ASP A 82 20.75 0.64 8.93
N GLU A 83 21.29 -0.53 9.30
CA GLU A 83 20.75 -1.43 10.34
C GLU A 83 21.20 -0.89 11.69
N ALA A 84 22.32 -0.18 11.73
CA ALA A 84 22.92 0.31 12.98
C ALA A 84 22.29 1.65 13.40
N LEU A 85 21.63 2.38 12.51
CA LEU A 85 21.01 3.73 12.80
C LEU A 85 19.89 3.61 13.83
N THR A 86 20.12 4.09 15.06
CA THR A 86 19.26 3.94 16.25
C THR A 86 18.63 5.32 16.50
N GLY A 87 17.40 5.40 17.00
CA GLY A 87 16.78 6.65 17.50
C GLY A 87 15.46 6.98 16.80
N GLN A 88 14.98 8.21 16.96
CA GLN A 88 13.66 8.65 16.41
C GLN A 88 13.94 9.46 15.16
N ILE A 89 12.91 9.68 14.35
CA ILE A 89 13.01 10.70 13.27
C ILE A 89 13.31 12.06 13.89
N PRO A 90 14.48 12.67 13.61
CA PRO A 90 14.81 13.97 14.19
C PRO A 90 13.80 15.01 13.72
N PRO A 91 13.29 15.83 14.66
CA PRO A 91 12.25 16.80 14.35
C PRO A 91 12.66 17.90 13.37
N GLN A 92 13.96 18.09 13.20
CA GLN A 92 14.59 19.09 12.36
C GLN A 92 14.36 18.73 10.89
N VAL A 93 13.76 17.59 10.55
CA VAL A 93 13.29 17.36 9.14
C VAL A 93 12.22 18.41 8.81
N GLY A 94 11.43 18.85 9.81
CA GLY A 94 10.43 19.93 9.67
C GLY A 94 11.07 21.24 9.26
N ASP A 95 12.39 21.35 9.38
CA ASP A 95 13.11 22.61 9.15
C ASP A 95 13.73 22.62 7.75
N LEU A 96 13.30 21.72 6.87
CA LEU A 96 13.67 21.75 5.44
C LEU A 96 12.41 22.07 4.63
N PRO A 97 11.94 23.35 4.63
CA PRO A 97 10.58 23.68 4.26
C PRO A 97 10.23 23.39 2.79
N TYR A 98 11.25 23.27 1.93
CA TYR A 98 11.03 23.00 0.49
C TYR A 98 11.14 21.48 0.21
N LEU A 99 11.22 20.59 1.19
CA LEU A 99 11.25 19.14 0.86
C LEU A 99 10.07 18.74 -0.02
N GLN A 100 10.37 17.98 -1.06
CA GLN A 100 9.33 17.34 -1.92
C GLN A 100 9.30 15.85 -1.69
N ALA A 101 10.43 15.26 -1.33
CA ALA A 101 10.50 13.80 -1.05
C ALA A 101 11.26 13.61 0.26
N LEU A 102 10.66 12.85 1.15
CA LEU A 102 11.30 12.51 2.45
C LEU A 102 11.17 11.01 2.66
N TRP A 103 12.28 10.28 2.59
CA TRP A 103 12.31 8.80 2.69
C TRP A 103 13.15 8.42 3.90
N PHE A 104 12.57 7.63 4.81
CA PHE A 104 13.24 6.89 5.90
C PHE A 104 12.80 5.44 5.73
N ARG A 105 13.64 4.59 5.14
CA ARG A 105 13.23 3.21 4.72
C ARG A 105 14.30 2.23 5.14
N LYS A 106 13.89 1.10 5.70
CA LYS A 106 14.78 -0.05 6.03
C LYS A 106 15.75 0.42 7.11
N LEU A 107 15.20 0.93 8.21
CA LEU A 107 15.94 1.39 9.41
C LEU A 107 15.28 0.70 10.58
N PRO A 108 15.64 -0.57 10.88
CA PRO A 108 14.97 -1.30 11.96
C PRO A 108 15.09 -0.70 13.37
N ASN A 109 16.11 0.13 13.64
CA ASN A 109 16.37 0.67 15.00
C ASN A 109 15.86 2.09 15.08
N LEU A 110 15.11 2.50 14.08
CA LEU A 110 14.33 3.77 14.10
C LEU A 110 13.01 3.49 14.80
N PHE A 111 12.74 4.19 15.87
CA PHE A 111 11.59 3.94 16.73
C PHE A 111 10.93 5.28 17.04
N GLY A 112 9.94 5.24 17.94
CA GLY A 112 9.08 6.37 18.34
C GLY A 112 7.97 6.58 17.36
N LYS A 113 7.39 7.76 17.33
CA LYS A 113 6.19 7.97 16.49
C LYS A 113 6.52 8.95 15.37
N ILE A 114 5.69 9.03 14.37
CA ILE A 114 5.94 9.94 13.24
C ILE A 114 5.82 11.34 13.83
N PRO A 115 6.86 12.17 13.75
CA PRO A 115 6.88 13.45 14.46
C PRO A 115 5.91 14.45 13.81
N GLU A 116 5.19 15.19 14.66
CA GLU A 116 4.17 16.21 14.31
C GLU A 116 4.79 17.29 13.38
N GLU A 117 6.10 17.50 13.47
CA GLU A 117 6.89 18.46 12.69
C GLU A 117 6.77 18.23 11.18
N ILE A 118 6.53 17.00 10.71
CA ILE A 118 6.36 16.72 9.26
C ILE A 118 5.14 17.51 8.72
N SER A 119 4.18 17.92 9.57
CA SER A 119 3.01 18.76 9.13
C SER A 119 3.41 20.10 8.51
N ALA A 120 4.62 20.62 8.73
CA ALA A 120 5.09 21.91 8.18
C ALA A 120 5.71 21.71 6.81
N LEU A 121 5.71 20.47 6.29
CA LEU A 121 6.37 20.19 4.98
C LEU A 121 5.32 20.23 3.89
N LYS A 122 4.73 21.40 3.65
CA LYS A 122 3.57 21.61 2.74
C LYS A 122 3.87 21.24 1.28
N ASP A 123 5.11 21.09 0.89
CA ASP A 123 5.50 20.76 -0.51
C ASP A 123 5.76 19.25 -0.73
N LEU A 124 5.69 18.37 0.28
CA LEU A 124 5.95 16.93 0.03
C LEU A 124 5.02 16.37 -1.07
N LYS A 125 5.61 15.64 -2.00
CA LYS A 125 4.89 14.81 -3.01
C LYS A 125 5.01 13.32 -2.64
N SER A 126 6.12 12.94 -1.99
CA SER A 126 6.53 11.57 -1.70
C SER A 126 7.01 11.50 -0.25
N LEU A 127 6.20 10.89 0.62
CA LEU A 127 6.62 10.59 1.99
C LEU A 127 6.64 9.07 2.18
N ARG A 128 7.82 8.51 2.42
CA ARG A 128 8.02 7.04 2.54
C ARG A 128 8.73 6.79 3.86
N LEU A 129 8.00 6.29 4.84
CA LEU A 129 8.54 5.96 6.17
C LEU A 129 8.23 4.49 6.32
N SER A 130 9.15 3.62 6.05
CA SER A 130 8.71 2.24 5.94
C SER A 130 9.85 1.28 6.23
N SER A 131 9.48 0.08 6.65
CA SER A 131 10.41 -0.95 7.21
C SER A 131 11.21 -0.30 8.35
N THR A 132 10.52 0.14 9.39
CA THR A 132 11.15 0.71 10.59
C THR A 132 10.43 0.17 11.83
N SER A 133 10.76 0.66 13.01
CA SER A 133 9.99 0.36 14.24
C SER A 133 9.21 1.58 14.74
N LEU A 134 8.84 2.48 13.80
CA LEU A 134 7.89 3.60 14.07
C LEU A 134 6.57 3.00 14.54
N SER A 135 6.01 3.55 15.60
CA SER A 135 4.75 3.08 16.19
C SER A 135 3.89 4.28 16.53
N GLY A 136 2.91 4.05 17.39
CA GLY A 136 1.82 4.96 17.72
C GLY A 136 0.75 5.01 16.62
N PRO A 137 -0.25 5.92 16.81
CA PRO A 137 -1.35 6.12 15.88
C PRO A 137 -0.77 6.71 14.61
N VAL A 138 -1.45 6.44 13.52
CA VAL A 138 -1.22 7.15 12.25
C VAL A 138 -1.56 8.61 12.54
N PRO A 139 -0.66 9.57 12.34
CA PRO A 139 -1.02 10.95 12.65
C PRO A 139 -2.17 11.45 11.76
N LEU A 140 -2.84 12.49 12.23
CA LEU A 140 -4.07 13.04 11.64
C LEU A 140 -3.77 14.24 10.72
N PHE A 141 -2.52 14.65 10.54
CA PHE A 141 -2.22 15.89 9.77
C PHE A 141 -1.95 15.62 8.28
N PHE A 142 -2.05 14.40 7.79
CA PHE A 142 -1.65 14.07 6.39
C PHE A 142 -2.54 14.75 5.35
N PRO A 143 -3.87 14.95 5.58
CA PRO A 143 -4.71 15.62 4.60
C PRO A 143 -4.22 17.02 4.28
N GLN A 144 -3.49 17.63 5.19
CA GLN A 144 -2.98 19.02 5.05
CA GLN A 144 -3.04 19.03 4.99
C GLN A 144 -1.79 19.02 4.08
N LEU A 145 -1.16 17.86 3.86
CA LEU A 145 -0.04 17.66 2.88
C LEU A 145 -0.59 17.38 1.48
N THR A 146 -1.09 18.43 0.88
CA THR A 146 -2.04 18.48 -0.26
C THR A 146 -1.38 18.05 -1.57
N LYS A 147 -0.05 18.12 -1.65
CA LYS A 147 0.70 17.77 -2.87
C LYS A 147 1.03 16.29 -2.84
N LEU A 148 0.65 15.55 -1.80
CA LEU A 148 1.06 14.14 -1.72
C LEU A 148 0.50 13.33 -2.92
N THR A 149 1.41 12.56 -3.53
CA THR A 149 1.24 11.64 -4.66
C THR A 149 1.50 10.19 -4.19
N CYS A 150 2.49 10.02 -3.33
CA CYS A 150 2.90 8.74 -2.71
C CYS A 150 2.97 8.95 -1.18
N LEU A 151 2.17 8.19 -0.44
CA LEU A 151 2.21 8.10 1.03
C LEU A 151 2.40 6.63 1.43
N ASP A 152 3.61 6.29 1.87
CA ASP A 152 4.03 4.92 2.22
C ASP A 152 4.48 4.92 3.69
N LEU A 153 3.60 4.41 4.57
CA LEU A 153 3.88 4.12 5.97
C LEU A 153 3.89 2.60 6.19
N SER A 154 4.42 1.82 5.26
CA SER A 154 4.20 0.35 5.30
C SER A 154 5.30 -0.32 6.14
N PHE A 155 5.05 -1.52 6.64
CA PHE A 155 6.07 -2.34 7.35
C PHE A 155 6.66 -1.54 8.52
N ASN A 156 5.77 -0.97 9.33
CA ASN A 156 6.11 -0.37 10.63
C ASN A 156 5.34 -1.12 11.71
N LYS A 157 5.14 -0.48 12.88
CA LYS A 157 4.30 -0.99 13.98
C LYS A 157 3.24 0.08 14.29
N LEU A 158 2.63 0.69 13.27
CA LEU A 158 1.59 1.72 13.50
C LEU A 158 0.34 1.05 14.04
N LEU A 159 -0.43 1.77 14.86
CA LEU A 159 -1.55 1.21 15.63
C LEU A 159 -2.84 2.01 15.44
N GLY A 160 -3.94 1.46 15.91
CA GLY A 160 -5.26 2.07 15.91
C GLY A 160 -5.91 2.01 14.54
N VAL A 161 -6.84 2.92 14.34
CA VAL A 161 -7.76 2.91 13.17
C VAL A 161 -7.16 3.75 12.05
N ILE A 162 -7.56 3.51 10.82
CA ILE A 162 -7.20 4.35 9.65
C ILE A 162 -7.91 5.70 9.79
N PRO A 163 -7.22 6.85 9.67
CA PRO A 163 -7.86 8.15 9.64
C PRO A 163 -8.71 8.35 8.40
N PRO A 164 -10.03 8.48 8.51
CA PRO A 164 -10.85 8.55 7.30
C PRO A 164 -10.47 9.77 6.44
N GLN A 165 -10.02 10.88 7.05
CA GLN A 165 -9.86 12.17 6.34
C GLN A 165 -8.69 12.08 5.37
N LEU A 166 -7.91 11.01 5.40
CA LEU A 166 -6.92 10.77 4.33
C LEU A 166 -7.58 10.81 2.95
N SER A 167 -8.80 10.32 2.89
CA SER A 167 -9.67 10.26 1.69
C SER A 167 -9.80 11.65 1.04
N THR A 168 -9.45 12.74 1.71
CA THR A 168 -9.59 14.09 1.10
C THR A 168 -8.36 14.47 0.28
N LEU A 169 -7.22 13.77 0.39
CA LEU A 169 -6.06 14.20 -0.43
C LEU A 169 -6.49 14.17 -1.89
N PRO A 170 -6.19 15.23 -2.66
CA PRO A 170 -6.69 15.31 -4.04
C PRO A 170 -5.84 14.69 -5.17
N ASN A 171 -4.59 14.28 -4.92
CA ASN A 171 -3.55 13.95 -5.95
C ASN A 171 -2.79 12.66 -5.61
N LEU A 172 -3.26 11.87 -4.67
CA LEU A 172 -2.58 10.62 -4.29
C LEU A 172 -2.66 9.59 -5.44
N LYS A 173 -1.56 8.94 -5.80
CA LYS A 173 -1.52 7.83 -6.75
C LYS A 173 -1.53 6.48 -6.00
N ALA A 174 -0.94 6.43 -4.83
CA ALA A 174 -0.83 5.18 -4.08
C ALA A 174 -0.79 5.51 -2.59
N LEU A 175 -1.52 4.73 -1.80
CA LEU A 175 -1.48 4.64 -0.34
C LEU A 175 -1.10 3.22 0.10
N HIS A 176 -0.01 3.14 0.84
CA HIS A 176 0.57 1.92 1.46
C HIS A 176 0.51 2.00 2.97
N LEU A 177 -0.41 1.29 3.58
CA LEU A 177 -0.53 1.18 5.05
C LEU A 177 -0.31 -0.28 5.46
N GLU A 178 0.16 -1.09 4.52
CA GLU A 178 0.31 -2.56 4.70
C GLU A 178 1.35 -2.86 5.79
N ARG A 179 1.16 -3.95 6.52
CA ARG A 179 2.11 -4.59 7.45
C ARG A 179 2.40 -3.65 8.63
N ASN A 180 1.35 -3.27 9.30
CA ASN A 180 1.40 -2.46 10.53
C ASN A 180 0.59 -3.30 11.52
N GLU A 181 -0.04 -2.64 12.50
CA GLU A 181 -0.93 -3.27 13.50
C GLU A 181 -2.23 -2.48 13.58
N LEU A 182 -2.79 -2.07 12.44
CA LEU A 182 -4.04 -1.29 12.37
C LEU A 182 -5.25 -2.17 12.63
N THR A 183 -6.22 -1.68 13.38
CA THR A 183 -7.45 -2.38 13.73
C THR A 183 -8.67 -1.58 13.26
N GLY A 184 -9.88 -2.06 13.57
CA GLY A 184 -11.09 -1.34 13.15
C GLY A 184 -11.40 -1.62 11.67
N GLU A 185 -12.27 -0.81 11.11
CA GLU A 185 -12.92 -1.00 9.81
C GLU A 185 -12.21 -0.08 8.83
N ILE A 186 -12.42 -0.35 7.55
CA ILE A 186 -12.17 0.57 6.42
C ILE A 186 -13.27 1.63 6.50
N PRO A 187 -12.88 2.91 6.64
CA PRO A 187 -13.84 4.00 6.67
C PRO A 187 -14.61 4.00 5.36
N ASP A 188 -15.92 4.11 5.47
CA ASP A 188 -16.83 4.36 4.32
C ASP A 188 -16.17 5.28 3.31
N ILE A 189 -15.58 6.42 3.73
CA ILE A 189 -15.16 7.47 2.76
C ILE A 189 -13.85 7.06 2.07
N PHE A 190 -13.23 5.93 2.43
CA PHE A 190 -11.98 5.51 1.73
C PHE A 190 -12.29 5.12 0.29
N GLY A 191 -13.57 4.96 -0.08
CA GLY A 191 -13.99 4.77 -1.47
C GLY A 191 -14.01 6.01 -2.32
N ASN A 192 -13.71 7.19 -1.74
CA ASN A 192 -13.98 8.51 -2.34
C ASN A 192 -12.73 9.33 -2.56
N PHE A 193 -11.56 8.75 -2.42
CA PHE A 193 -10.31 9.38 -2.90
C PHE A 193 -10.47 9.89 -4.35
N ALA A 194 -10.25 11.19 -4.61
CA ALA A 194 -10.25 11.76 -5.98
C ALA A 194 -9.18 11.01 -6.77
N GLY A 195 -9.50 10.54 -7.99
CA GLY A 195 -8.50 9.88 -8.83
C GLY A 195 -8.19 8.43 -8.45
N SER A 196 -8.81 7.87 -7.42
CA SER A 196 -8.84 6.40 -7.26
C SER A 196 -7.40 5.87 -7.23
N PRO A 197 -6.62 6.18 -6.18
CA PRO A 197 -5.25 5.71 -6.07
C PRO A 197 -5.27 4.23 -5.71
N ASP A 198 -4.15 3.57 -5.93
CA ASP A 198 -3.98 2.18 -5.46
C ASP A 198 -3.90 2.19 -3.95
N ILE A 199 -4.52 1.21 -3.32
CA ILE A 199 -4.52 1.10 -1.85
C ILE A 199 -4.05 -0.27 -1.39
N TYR A 200 -3.08 -0.25 -0.49
CA TYR A 200 -2.47 -1.44 0.12
C TYR A 200 -2.67 -1.35 1.61
N LEU A 201 -3.55 -2.20 2.15
CA LEU A 201 -3.91 -2.31 3.59
C LEU A 201 -3.55 -3.70 4.14
N SER A 202 -2.89 -4.54 3.37
CA SER A 202 -2.73 -5.98 3.66
C SER A 202 -1.88 -6.16 4.93
N HIS A 203 -2.12 -7.28 5.62
CA HIS A 203 -1.35 -7.80 6.77
C HIS A 203 -1.49 -6.78 7.93
N ASN A 204 -2.72 -6.35 8.21
CA ASN A 204 -3.11 -5.61 9.44
C ASN A 204 -4.13 -6.48 10.17
N GLN A 205 -5.04 -5.92 10.98
CA GLN A 205 -6.09 -6.70 11.71
C GLN A 205 -7.42 -5.97 11.49
N LEU A 206 -7.67 -5.52 10.27
CA LEU A 206 -8.93 -4.81 9.87
C LEU A 206 -10.08 -5.80 9.84
N THR A 207 -11.25 -5.33 10.25
CA THR A 207 -12.50 -6.12 10.40
C THR A 207 -13.62 -5.46 9.59
N GLY A 208 -14.81 -6.05 9.59
CA GLY A 208 -15.99 -5.54 8.89
C GLY A 208 -15.89 -5.78 7.39
N PHE A 209 -16.61 -4.95 6.61
CA PHE A 209 -16.94 -5.17 5.19
C PHE A 209 -16.07 -4.20 4.40
N VAL A 210 -15.81 -4.50 3.13
CA VAL A 210 -15.32 -3.47 2.19
C VAL A 210 -16.48 -2.54 1.91
N PRO A 211 -16.31 -1.21 2.16
CA PRO A 211 -17.38 -0.25 1.90
C PRO A 211 -17.88 -0.26 0.44
N LYS A 212 -19.18 -0.22 0.22
CA LYS A 212 -19.83 -0.20 -1.11
C LYS A 212 -19.47 1.07 -1.89
N THR A 213 -19.04 2.13 -1.22
CA THR A 213 -18.46 3.31 -1.94
C THR A 213 -17.34 2.85 -2.89
N PHE A 214 -16.74 1.68 -2.70
CA PHE A 214 -15.62 1.21 -3.57
C PHE A 214 -16.16 0.80 -4.94
N ALA A 215 -17.47 0.60 -5.08
CA ALA A 215 -18.16 0.34 -6.38
C ALA A 215 -17.91 1.52 -7.34
N ARG A 216 -17.81 2.74 -6.83
CA ARG A 216 -17.69 3.97 -7.65
C ARG A 216 -16.22 4.30 -7.86
N ALA A 217 -15.30 3.72 -7.08
CA ALA A 217 -13.84 3.94 -7.21
C ALA A 217 -13.34 3.13 -8.40
N ASP A 218 -12.31 3.60 -9.09
CA ASP A 218 -11.71 2.89 -10.25
C ASP A 218 -10.21 2.71 -10.04
N PRO A 219 -9.75 1.98 -8.99
CA PRO A 219 -8.33 1.84 -8.76
C PRO A 219 -7.72 0.83 -9.75
N ILE A 220 -6.42 0.92 -9.94
CA ILE A 220 -5.67 -0.07 -10.73
C ILE A 220 -5.28 -1.25 -9.83
N ARG A 221 -4.88 -1.02 -8.57
CA ARG A 221 -4.49 -2.12 -7.69
C ARG A 221 -5.12 -1.96 -6.32
N LEU A 222 -5.60 -3.06 -5.78
CA LEU A 222 -6.04 -3.18 -4.37
C LEU A 222 -5.44 -4.43 -3.79
N ASP A 223 -4.85 -4.28 -2.61
CA ASP A 223 -4.29 -5.40 -1.81
C ASP A 223 -4.78 -5.20 -0.38
N PHE A 224 -5.79 -5.98 0.00
CA PHE A 224 -6.41 -5.99 1.36
C PHE A 224 -6.18 -7.35 2.02
N SER A 225 -5.22 -8.10 1.53
CA SER A 225 -5.04 -9.51 1.94
C SER A 225 -4.51 -9.52 3.39
N GLY A 226 -4.65 -10.67 4.03
CA GLY A 226 -4.29 -11.00 5.42
C GLY A 226 -4.94 -10.07 6.41
N ASN A 227 -6.21 -9.78 6.29
CA ASN A 227 -6.92 -9.02 7.34
C ASN A 227 -7.97 -9.99 7.86
N ARG A 228 -9.00 -9.48 8.49
CA ARG A 228 -10.15 -10.27 8.97
C ARG A 228 -11.40 -9.70 8.27
N LEU A 229 -11.33 -9.34 6.98
CA LEU A 229 -12.51 -8.75 6.30
C LEU A 229 -13.56 -9.81 5.94
N GLU A 230 -14.81 -9.39 5.97
CA GLU A 230 -15.98 -10.25 5.80
C GLU A 230 -16.80 -9.74 4.63
N GLY A 231 -17.80 -10.54 4.25
CA GLY A 231 -18.87 -10.17 3.32
C GLY A 231 -18.34 -10.14 1.91
N ASP A 232 -18.87 -9.25 1.11
CA ASP A 232 -18.89 -9.30 -0.36
C ASP A 232 -17.87 -8.33 -0.93
N ILE A 233 -17.32 -8.63 -2.11
CA ILE A 233 -16.54 -7.66 -2.92
C ILE A 233 -16.94 -7.70 -4.39
N SER A 234 -18.14 -8.17 -4.71
CA SER A 234 -18.55 -8.40 -6.11
C SER A 234 -18.62 -7.07 -6.86
N PHE A 235 -18.84 -5.96 -6.15
CA PHE A 235 -19.00 -4.59 -6.70
C PHE A 235 -17.64 -4.00 -7.08
N LEU A 236 -16.56 -4.71 -6.81
CA LEU A 236 -15.20 -4.27 -7.25
C LEU A 236 -14.89 -4.64 -8.71
N PHE A 237 -15.63 -5.59 -9.27
CA PHE A 237 -15.41 -6.15 -10.61
C PHE A 237 -16.30 -5.38 -11.60
N GLY A 238 -16.54 -5.94 -12.76
CA GLY A 238 -17.42 -5.17 -13.65
C GLY A 238 -16.63 -4.55 -14.78
N PRO A 239 -17.26 -4.57 -15.96
CA PRO A 239 -16.57 -4.41 -17.23
C PRO A 239 -15.95 -3.06 -17.58
N LYS A 240 -16.33 -1.96 -16.96
CA LYS A 240 -15.73 -0.65 -17.30
C LYS A 240 -14.62 -0.26 -16.30
N LYS A 241 -14.28 -1.11 -15.33
CA LYS A 241 -13.26 -0.79 -14.32
C LYS A 241 -11.84 -1.02 -14.92
N ARG A 242 -10.82 -0.31 -14.44
CA ARG A 242 -9.44 -0.39 -14.96
C ARG A 242 -8.60 -1.28 -14.05
N LEU A 243 -9.22 -1.95 -13.10
CA LEU A 243 -8.50 -2.86 -12.17
C LEU A 243 -7.59 -3.83 -12.96
N GLU A 244 -6.35 -3.94 -12.52
CA GLU A 244 -5.33 -4.90 -13.02
C GLU A 244 -4.94 -5.92 -11.96
N MET A 245 -4.99 -5.53 -10.68
CA MET A 245 -4.47 -6.37 -9.59
C MET A 245 -5.40 -6.31 -8.41
N LEU A 246 -5.87 -7.49 -7.99
CA LEU A 246 -6.68 -7.61 -6.75
C LEU A 246 -6.18 -8.77 -5.89
N ASP A 247 -5.79 -8.48 -4.65
CA ASP A 247 -5.39 -9.52 -3.67
C ASP A 247 -6.21 -9.33 -2.40
N PHE A 248 -7.19 -10.22 -2.19
CA PHE A 248 -8.00 -10.28 -0.95
C PHE A 248 -7.81 -11.62 -0.29
N SER A 249 -6.71 -12.30 -0.58
CA SER A 249 -6.37 -13.59 0.06
C SER A 249 -6.25 -13.43 1.58
N GLY A 250 -6.62 -14.48 2.31
CA GLY A 250 -6.43 -14.55 3.76
C GLY A 250 -7.35 -13.61 4.50
N ASN A 251 -8.62 -13.62 4.15
CA ASN A 251 -9.64 -12.84 4.90
C ASN A 251 -10.74 -13.83 5.28
N VAL A 252 -11.95 -13.35 5.59
CA VAL A 252 -13.13 -14.24 5.79
C VAL A 252 -14.25 -13.77 4.84
N LEU A 253 -13.93 -13.40 3.61
CA LEU A 253 -14.95 -12.99 2.61
C LEU A 253 -15.92 -14.14 2.41
N SER A 254 -17.18 -13.78 2.47
CA SER A 254 -18.29 -14.73 2.45
C SER A 254 -19.35 -14.11 1.56
N PHE A 255 -19.26 -14.46 0.27
CA PHE A 255 -20.24 -14.14 -0.78
C PHE A 255 -20.17 -15.21 -1.88
N ASN A 256 -21.18 -15.16 -2.72
CA ASN A 256 -21.46 -16.12 -3.80
C ASN A 256 -20.79 -15.58 -5.05
N PHE A 257 -19.72 -16.24 -5.49
CA PHE A 257 -18.89 -15.76 -6.60
C PHE A 257 -19.69 -15.77 -7.89
N SER A 258 -20.81 -16.49 -7.96
CA SER A 258 -21.63 -16.58 -9.19
C SER A 258 -22.22 -15.19 -9.50
N ARG A 259 -22.27 -14.25 -8.58
CA ARG A 259 -22.86 -12.91 -8.86
C ARG A 259 -21.87 -12.04 -9.64
N VAL A 260 -20.61 -12.41 -9.68
CA VAL A 260 -19.65 -11.76 -10.60
C VAL A 260 -19.71 -12.48 -11.93
N GLN A 261 -20.36 -11.88 -12.92
CA GLN A 261 -20.60 -12.51 -14.25
C GLN A 261 -19.84 -11.70 -15.32
N GLU A 262 -19.22 -10.59 -14.97
CA GLU A 262 -18.39 -9.77 -15.89
C GLU A 262 -17.18 -9.28 -15.09
N PHE A 263 -16.03 -9.08 -15.74
CA PHE A 263 -14.75 -8.76 -15.05
C PHE A 263 -14.13 -7.52 -15.72
N PRO A 264 -13.29 -6.77 -14.99
CA PRO A 264 -12.47 -5.71 -15.59
C PRO A 264 -11.56 -6.37 -16.61
N PRO A 265 -11.58 -5.89 -17.85
CA PRO A 265 -10.91 -6.61 -18.95
C PRO A 265 -9.38 -6.78 -18.82
N SER A 266 -8.73 -5.87 -18.07
CA SER A 266 -7.27 -5.79 -17.93
C SER A 266 -6.86 -6.46 -16.61
N LEU A 267 -7.76 -7.16 -15.92
CA LEU A 267 -7.42 -7.97 -14.73
C LEU A 267 -6.41 -9.06 -15.09
N THR A 268 -5.20 -8.98 -14.51
CA THR A 268 -4.13 -9.98 -14.75
C THR A 268 -3.69 -10.68 -13.46
N TYR A 269 -4.13 -10.19 -12.33
CA TYR A 269 -3.72 -10.70 -11.01
C TYR A 269 -4.96 -10.76 -10.14
N LEU A 270 -5.37 -11.95 -9.76
CA LEU A 270 -6.56 -12.13 -8.92
C LEU A 270 -6.25 -13.23 -7.89
N ASP A 271 -6.09 -12.84 -6.63
CA ASP A 271 -5.83 -13.81 -5.55
C ASP A 271 -6.92 -13.65 -4.53
N LEU A 272 -7.66 -14.75 -4.29
CA LEU A 272 -8.75 -14.82 -3.30
C LEU A 272 -8.58 -16.04 -2.41
N ASN A 273 -7.41 -16.66 -2.45
CA ASN A 273 -7.19 -17.90 -1.68
C ASN A 273 -7.42 -17.61 -0.20
N HIS A 274 -7.95 -18.58 0.53
CA HIS A 274 -8.14 -18.54 2.01
C HIS A 274 -9.22 -17.50 2.35
N ASN A 275 -10.44 -17.77 1.90
CA ASN A 275 -11.68 -17.01 2.20
C ASN A 275 -12.78 -18.06 2.43
N GLN A 276 -14.05 -17.66 2.54
CA GLN A 276 -15.21 -18.55 2.67
C GLN A 276 -16.08 -18.29 1.45
N ILE A 277 -15.49 -18.07 0.30
CA ILE A 277 -16.28 -17.70 -0.90
C ILE A 277 -16.98 -18.97 -1.39
N SER A 278 -18.24 -18.86 -1.77
CA SER A 278 -19.01 -19.98 -2.35
C SER A 278 -19.45 -19.67 -3.78
N GLY A 279 -20.26 -20.54 -4.36
CA GLY A 279 -20.68 -20.55 -5.77
C GLY A 279 -19.63 -21.09 -6.68
N SER A 280 -19.67 -20.64 -7.91
CA SER A 280 -18.89 -21.21 -9.01
C SER A 280 -18.20 -20.11 -9.79
N LEU A 281 -17.23 -20.54 -10.59
CA LEU A 281 -16.34 -19.72 -11.42
C LEU A 281 -17.11 -19.34 -12.68
N SER A 282 -17.39 -18.06 -12.91
CA SER A 282 -17.94 -17.60 -14.20
C SER A 282 -17.01 -18.05 -15.32
N SER A 283 -17.61 -18.50 -16.41
CA SER A 283 -16.90 -18.78 -17.67
C SER A 283 -16.31 -17.49 -18.27
N GLU A 284 -16.72 -16.30 -17.85
CA GLU A 284 -16.06 -15.04 -18.27
C GLU A 284 -14.60 -14.96 -17.78
N LEU A 285 -14.22 -15.70 -16.74
CA LEU A 285 -12.80 -15.78 -16.30
C LEU A 285 -11.85 -16.23 -17.42
N ALA A 286 -12.33 -16.95 -18.44
CA ALA A 286 -11.49 -17.54 -19.50
C ALA A 286 -11.12 -16.48 -20.56
N LYS A 287 -11.75 -15.32 -20.55
CA LYS A 287 -11.43 -14.20 -21.47
C LYS A 287 -10.33 -13.31 -20.87
N LEU A 288 -9.92 -13.53 -19.61
CA LEU A 288 -8.88 -12.66 -19.01
C LEU A 288 -7.49 -13.22 -19.31
N ASP A 289 -6.52 -12.37 -19.62
CA ASP A 289 -5.10 -12.79 -19.67
C ASP A 289 -4.60 -12.89 -18.22
N LEU A 290 -5.16 -13.78 -17.42
CA LEU A 290 -4.66 -13.91 -16.03
C LEU A 290 -3.21 -14.45 -16.02
N GLN A 291 -2.32 -13.75 -15.31
CA GLN A 291 -0.91 -14.18 -15.04
C GLN A 291 -0.87 -14.85 -13.65
N THR A 292 -1.65 -14.33 -12.72
CA THR A 292 -1.74 -14.83 -11.34
C THR A 292 -3.21 -15.06 -11.04
N PHE A 293 -3.52 -16.22 -10.49
CA PHE A 293 -4.89 -16.65 -10.20
C PHE A 293 -4.84 -17.70 -9.13
N ASN A 294 -5.62 -17.52 -8.08
CA ASN A 294 -5.62 -18.45 -6.95
C ASN A 294 -6.98 -18.33 -6.23
N VAL A 295 -7.73 -19.42 -6.23
CA VAL A 295 -8.98 -19.45 -5.43
C VAL A 295 -8.92 -20.63 -4.44
N SER A 296 -7.75 -21.18 -4.13
CA SER A 296 -7.61 -22.33 -3.22
C SER A 296 -8.16 -21.95 -1.82
N ASP A 297 -8.65 -22.94 -1.05
CA ASP A 297 -9.13 -22.78 0.35
C ASP A 297 -10.34 -21.84 0.36
N ASN A 298 -11.39 -22.26 -0.32
CA ASN A 298 -12.68 -21.53 -0.38
C ASN A 298 -13.76 -22.61 -0.31
N ASN A 299 -15.02 -22.20 -0.56
CA ASN A 299 -16.19 -23.11 -0.61
C ASN A 299 -16.75 -23.13 -2.03
N LEU A 300 -15.93 -23.08 -3.08
CA LEU A 300 -16.41 -23.06 -4.50
C LEU A 300 -16.84 -24.45 -4.96
N CYS A 301 -17.79 -24.47 -5.88
CA CYS A 301 -18.37 -25.74 -6.38
C CYS A 301 -18.44 -25.69 -7.91
N GLY A 302 -18.58 -26.85 -8.53
CA GLY A 302 -18.88 -27.01 -9.96
C GLY A 302 -17.66 -27.00 -10.85
N LYS A 303 -17.89 -26.92 -12.14
CA LYS A 303 -16.85 -27.22 -13.12
C LYS A 303 -15.97 -25.98 -13.26
N ILE A 304 -14.66 -26.13 -13.15
CA ILE A 304 -13.68 -25.11 -13.63
C ILE A 304 -13.89 -24.98 -15.14
N PRO A 305 -14.31 -23.80 -15.64
CA PRO A 305 -14.52 -23.56 -17.06
C PRO A 305 -13.25 -23.80 -17.89
N THR A 306 -13.40 -24.11 -19.18
CA THR A 306 -12.26 -24.30 -20.12
C THR A 306 -12.08 -23.01 -20.93
N GLY A 307 -10.82 -22.60 -21.12
CA GLY A 307 -10.37 -21.46 -21.95
C GLY A 307 -9.39 -20.56 -21.19
N GLY A 308 -8.99 -19.48 -21.85
CA GLY A 308 -7.90 -18.61 -21.38
C GLY A 308 -6.76 -19.40 -20.79
N ASN A 309 -6.37 -18.95 -19.61
CA ASN A 309 -5.21 -19.44 -18.86
C ASN A 309 -5.71 -20.42 -17.78
N LEU A 310 -6.97 -20.83 -17.77
CA LEU A 310 -7.51 -21.51 -16.55
C LEU A 310 -6.91 -22.90 -16.37
N GLN A 311 -6.72 -23.63 -17.46
CA GLN A 311 -6.09 -25.00 -17.45
C GLN A 311 -4.58 -24.84 -17.44
N ARG A 312 -4.08 -23.62 -17.52
CA ARG A 312 -2.63 -23.31 -17.44
C ARG A 312 -2.20 -23.15 -15.99
N PHE A 313 -3.08 -22.85 -15.06
CA PHE A 313 -2.71 -22.85 -13.62
C PHE A 313 -2.68 -24.29 -13.13
N ASP A 314 -1.70 -24.62 -12.28
CA ASP A 314 -1.62 -26.00 -11.74
C ASP A 314 -2.69 -26.14 -10.66
N ARG A 315 -2.94 -27.36 -10.24
CA ARG A 315 -4.07 -27.70 -9.35
C ARG A 315 -4.02 -26.86 -8.06
N THR A 316 -2.87 -26.37 -7.62
CA THR A 316 -2.76 -25.65 -6.33
C THR A 316 -3.54 -24.33 -6.31
N ALA A 317 -3.91 -23.77 -7.47
CA ALA A 317 -4.79 -22.59 -7.59
C ALA A 317 -6.25 -22.92 -7.23
N TYR A 318 -6.63 -24.19 -7.02
CA TYR A 318 -8.04 -24.65 -6.94
C TYR A 318 -8.30 -25.64 -5.80
N LEU A 319 -7.26 -26.19 -5.14
CA LEU A 319 -7.38 -27.18 -4.03
C LEU A 319 -8.15 -26.56 -2.88
N HIS A 320 -8.65 -27.43 -2.02
CA HIS A 320 -9.32 -27.14 -0.75
C HIS A 320 -10.57 -26.32 -1.08
N ASN A 321 -11.32 -26.73 -2.08
CA ASN A 321 -12.68 -26.18 -2.35
C ASN A 321 -13.73 -27.27 -2.06
N SER A 322 -15.03 -26.96 -2.11
CA SER A 322 -16.13 -27.90 -1.68
C SER A 322 -16.35 -28.95 -2.77
N CYS A 323 -16.45 -28.53 -4.01
CA CYS A 323 -16.65 -29.50 -5.11
C CYS A 323 -16.31 -28.84 -6.43
N LEU A 324 -15.19 -28.15 -6.55
CA LEU A 324 -14.68 -27.83 -7.89
C LEU A 324 -14.17 -29.16 -8.48
N CYS A 325 -14.27 -29.32 -9.80
CA CYS A 325 -13.76 -30.48 -10.55
C CYS A 325 -13.37 -29.99 -11.93
N GLY A 326 -12.72 -30.86 -12.72
CA GLY A 326 -12.20 -30.56 -14.07
C GLY A 326 -10.75 -30.08 -14.07
N ALA A 327 -10.06 -30.33 -15.19
CA ALA A 327 -8.73 -29.79 -15.55
C ALA A 327 -8.55 -28.42 -14.91
N PRO A 328 -7.48 -28.20 -14.10
CA PRO A 328 -6.47 -29.22 -13.80
C PRO A 328 -6.75 -30.19 -12.63
N LEU A 329 -7.91 -30.02 -11.97
CA LEU A 329 -8.39 -30.98 -10.94
C LEU A 329 -8.88 -32.20 -11.68
N PRO A 330 -9.17 -33.32 -10.99
CA PRO A 330 -9.78 -34.51 -11.64
C PRO A 330 -11.13 -34.20 -12.33
N GLU A 331 -11.46 -34.91 -13.41
CA GLU A 331 -12.75 -34.78 -14.16
C GLU A 331 -13.96 -34.82 -13.20
N CYS A 332 -15.05 -34.15 -13.59
CA CYS A 332 -16.28 -34.02 -12.76
C CYS A 332 -16.97 -35.39 -12.66
N ALA A 333 -17.23 -35.87 -11.43
CA ALA A 333 -17.77 -37.23 -11.11
C ALA A 333 -19.02 -37.11 -10.24
N ALA A 334 -20.14 -36.82 -10.91
CA ALA A 334 -21.48 -36.57 -10.30
C ALA A 334 -21.97 -37.75 -9.45
N ALA A 335 -21.63 -39.00 -9.83
CA ALA A 335 -22.14 -40.26 -9.24
C ALA A 335 -21.30 -40.74 -8.06
N ALA A 336 -20.29 -39.97 -7.66
CA ALA A 336 -19.35 -40.30 -6.55
C ALA A 336 -19.30 -39.08 -5.62
C1 NAG B . -2.18 -20.65 -4.19
C2 NAG B . -0.79 -21.02 -4.65
C3 NAG B . -0.17 -22.11 -3.80
C4 NAG B . -0.06 -21.72 -2.34
C5 NAG B . -1.50 -21.40 -1.97
C6 NAG B . -1.65 -20.85 -0.57
C7 NAG B . -0.82 -20.75 -7.04
C8 NAG B . -0.79 -21.41 -8.36
N2 NAG B . -0.90 -21.52 -6.00
O3 NAG B . 1.07 -22.28 -4.45
O4 NAG B . 0.57 -22.75 -1.51
O5 NAG B . -2.14 -20.38 -2.81
O6 NAG B . -0.92 -19.59 -0.45
O7 NAG B . -0.74 -19.56 -7.01
H1 NAG B . -2.83 -21.52 -4.37
H2 NAG B . -0.14 -20.14 -4.63
H3 NAG B . -0.76 -23.03 -3.88
H4 NAG B . 0.52 -20.79 -2.28
H5 NAG B . -2.09 -22.33 -2.04
H61 NAG B . -1.25 -21.57 0.15
H62 NAG B . -2.71 -20.69 -0.34
H81 NAG B . -1.61 -22.10 -8.43
H82 NAG B . -0.89 -20.69 -9.13
H83 NAG B . 0.12 -21.94 -8.49
HN2 NAG B . -0.98 -22.52 -6.13
HO3 NAG B . 1.56 -22.99 -4.03
HO4 NAG B . 0.58 -22.47 -0.59
HO6 NAG B . -1.02 -19.25 0.44
C1 NAG C . -25.52 -17.02 -6.61
C2 NAG C . -26.46 -18.22 -6.43
C3 NAG C . -26.95 -18.63 -7.84
C4 NAG C . -27.47 -17.37 -8.64
C5 NAG C . -26.41 -16.22 -8.79
C6 NAG C . -26.92 -14.99 -9.62
C7 NAG C . -25.72 -19.88 -4.61
C8 NAG C . -24.78 -21.06 -4.31
N2 NAG C . -25.67 -19.31 -5.84
O3 NAG C . -27.77 -19.86 -7.69
O4 NAG C . -27.97 -17.63 -9.98
O5 NAG C . -25.85 -15.87 -7.46
O6 NAG C . -26.55 -13.65 -9.13
O7 NAG C . -26.50 -19.50 -3.74
H1 NAG C . -24.60 -17.45 -7.01
H2 NAG C . -27.31 -17.96 -5.79
H3 NAG C . -26.04 -18.93 -8.39
H4 NAG C . -28.30 -16.95 -8.05
H5 NAG C . -25.59 -16.66 -9.38
H61 NAG C . -28.01 -15.04 -9.67
H62 NAG C . -26.56 -15.09 -10.65
H81 NAG C . -23.78 -20.74 -4.43
H82 NAG C . -24.93 -21.38 -3.31
H83 NAG C . -24.99 -21.85 -4.97
HN2 NAG C . -24.97 -19.71 -6.48
HO3 NAG C . -27.97 -20.25 -8.56
HO4 NAG C . -28.40 -16.84 -10.33
HO6 NAG C . -26.94 -13.00 -9.75
#